data_9RP9
#
_entry.id   9RP9
#
_cell.length_a   73.480
_cell.length_b   59.780
_cell.length_c   91.670
_cell.angle_alpha   90.00
_cell.angle_beta   100.85
_cell.angle_gamma   90.00
#
_symmetry.space_group_name_H-M   'C 1 2 1'
#
loop_
_entity.id
_entity.type
_entity.pdbx_description
1 polymer 'von Hippel-Lindau disease tumor suppressor'
2 polymer Elongin-B
3 polymer Elongin-C
4 non-polymer 'TRIETHYLENE GLYCOL'
5 non-polymer 'IODIDE ION'
6 non-polymer 1,2-ETHANEDIOL
7 non-polymer DI(HYDROXYETHYL)ETHER
8 water water
#
loop_
_entity_poly.entity_id
_entity_poly.type
_entity_poly.pdbx_seq_one_letter_code
_entity_poly.pdbx_strand_id
1 'polypeptide(L)'
;GSMEAGRPRPVLRSVNSREPSQVIF(CSX)NRSPRVVLPLWLNFDGEPQPYPILPPGTGRRIHSYRGHLWLFRDAGTHDG
LLVNQTELFVPSLNVDGQPIFANITLPVYTLKERCLQVVRSLVKPENYRRLDIVRSLYEDLEDYPSVRKDIQRLSQEHLE
SQHLEEEP
;
A
2 'polypeptide(L)'
;MDVFLMIRRHKTTIFTDAKESSTVFELKRIVEGILKRPPEEQRLYKDDQLLDDGKTLGECGFTSQTARPQAPATVGLAFR
ADDTFEALRIEPFSSPPELPDVMK
;
B
3 'polypeptide(L)'
;MMYVKLISSDGHEFIVKREHALTSGTIKAMLSGPGQFAENETNEVNFREIPSHVLSKVCMYFTYKVRYTNSSTEIPEFPI
APEIALELLMAANFLDC
;
C
#
loop_
_chem_comp.id
_chem_comp.type
_chem_comp.name
_chem_comp.formula
EDO non-polymer 1,2-ETHANEDIOL 'C2 H6 O2'
IOD non-polymer 'IODIDE ION' 'I -1'
PEG non-polymer DI(HYDROXYETHYL)ETHER 'C4 H10 O3'
PGE non-polymer 'TRIETHYLENE GLYCOL' 'C6 H14 O4'
#
# COMPACT_ATOMS: atom_id res chain seq x y z
N ARG A 9 24.50 -8.36 29.15
CA ARG A 9 23.83 -9.56 28.61
C ARG A 9 22.66 -9.11 27.75
N PRO A 10 22.74 -9.15 26.40
CA PRO A 10 21.67 -8.66 25.55
C PRO A 10 20.44 -9.56 25.65
N VAL A 11 19.28 -8.95 25.46
CA VAL A 11 18.03 -9.68 25.47
C VAL A 11 17.95 -10.60 24.25
N LEU A 12 18.40 -10.13 23.08
CA LEU A 12 18.17 -10.84 21.83
C LEU A 12 19.54 -11.18 21.27
N ARG A 13 19.78 -12.49 21.12
CA ARG A 13 21.10 -12.96 20.68
C ARG A 13 20.93 -14.34 20.05
N SER A 14 21.79 -14.71 19.08
CA SER A 14 21.90 -16.09 18.63
C SER A 14 22.44 -16.96 19.78
N VAL A 15 21.86 -18.14 19.96
CA VAL A 15 22.38 -19.18 20.81
C VAL A 15 23.37 -20.04 20.03
N ASN A 16 24.50 -20.34 20.63
CA ASN A 16 25.56 -21.08 19.96
C ASN A 16 25.29 -22.59 20.04
N SER A 17 24.23 -23.05 19.40
CA SER A 17 23.84 -24.44 19.44
C SER A 17 24.91 -25.36 18.86
N ARG A 18 25.62 -24.85 17.86
CA ARG A 18 26.51 -25.65 17.04
C ARG A 18 25.77 -26.78 16.34
N GLU A 19 24.43 -26.65 16.18
CA GLU A 19 23.64 -27.63 15.46
C GLU A 19 23.19 -27.05 14.12
N PRO A 20 23.69 -27.58 12.97
CA PRO A 20 23.40 -26.99 11.67
C PRO A 20 21.93 -26.98 11.29
N SER A 21 21.54 -25.89 10.61
CA SER A 21 20.24 -25.78 10.01
C SER A 21 20.39 -25.17 8.61
N GLN A 22 19.87 -25.86 7.59
CA GLN A 22 19.85 -25.33 6.24
C GLN A 22 18.62 -24.46 6.05
N VAL A 23 18.86 -23.27 5.55
CA VAL A 23 17.83 -22.27 5.38
C VAL A 23 17.85 -21.77 3.94
N ILE A 24 16.67 -21.37 3.46
CA ILE A 24 16.60 -20.57 2.27
C ILE A 24 15.97 -19.20 2.61
N PHE A 25 16.76 -18.15 2.32
CA PHE A 25 16.28 -16.79 2.28
C PHE A 25 15.59 -16.55 0.93
N CSX A 26 14.29 -16.30 1.01
CA CSX A 26 13.51 -16.12 -0.21
CB CSX A 26 12.35 -17.11 -0.26
SG CSX A 26 11.62 -16.89 -1.88
C CSX A 26 13.03 -14.67 -0.20
O CSX A 26 12.18 -14.33 0.61
OD CSX A 26 12.57 -17.66 -2.82
N ASN A 27 13.60 -13.83 -1.09
CA ASN A 27 13.26 -12.42 -1.20
C ASN A 27 12.02 -12.23 -2.08
N ARG A 28 10.84 -12.22 -1.44
CA ARG A 28 9.57 -11.98 -2.10
C ARG A 28 9.16 -10.50 -1.99
N SER A 29 10.13 -9.61 -2.24
CA SER A 29 9.94 -8.19 -2.08
C SER A 29 10.60 -7.53 -3.27
N PRO A 30 10.19 -6.29 -3.60
CA PRO A 30 10.89 -5.54 -4.64
C PRO A 30 12.10 -4.82 -4.08
N ARG A 31 12.53 -5.10 -2.84
CA ARG A 31 13.64 -4.36 -2.27
C ARG A 31 14.90 -5.18 -2.40
N VAL A 32 16.05 -4.48 -2.45
CA VAL A 32 17.33 -5.13 -2.22
C VAL A 32 17.43 -5.42 -0.72
N VAL A 33 17.57 -6.70 -0.37
CA VAL A 33 17.50 -7.07 1.03
C VAL A 33 18.87 -7.35 1.62
N LEU A 34 19.07 -6.78 2.81
CA LEU A 34 20.22 -7.05 3.64
C LEU A 34 19.81 -7.96 4.79
N PRO A 35 20.32 -9.20 4.82
CA PRO A 35 20.17 -10.06 6.00
C PRO A 35 21.15 -9.65 7.09
N LEU A 36 20.65 -9.67 8.33
CA LEU A 36 21.45 -9.37 9.50
C LEU A 36 21.41 -10.51 10.54
N TRP A 37 22.60 -10.97 10.87
CA TRP A 37 22.79 -12.04 11.84
C TRP A 37 23.14 -11.42 13.18
N LEU A 38 22.27 -11.59 14.18
CA LEU A 38 22.59 -11.11 15.52
C LEU A 38 23.52 -12.12 16.15
N ASN A 39 24.76 -11.70 16.39
CA ASN A 39 25.80 -12.62 16.87
C ASN A 39 25.53 -13.04 18.31
N PHE A 40 26.53 -13.69 18.92
CA PHE A 40 26.32 -14.30 20.21
C PHE A 40 26.27 -13.22 21.28
N ASP A 41 26.75 -12.02 20.93
CA ASP A 41 26.63 -10.84 21.78
C ASP A 41 25.53 -9.89 21.32
N GLY A 42 24.64 -10.33 20.41
CA GLY A 42 23.48 -9.56 20.01
C GLY A 42 23.84 -8.39 19.10
N GLU A 43 25.02 -8.42 18.51
CA GLU A 43 25.39 -7.36 17.60
C GLU A 43 24.99 -7.81 16.19
N PRO A 44 24.30 -6.97 15.41
CA PRO A 44 23.93 -7.32 14.03
C PRO A 44 25.12 -7.41 13.09
N GLN A 45 25.24 -8.52 12.37
CA GLN A 45 26.29 -8.71 11.38
C GLN A 45 25.65 -8.82 10.00
N PRO A 46 26.09 -7.98 9.04
CA PRO A 46 25.59 -8.04 7.67
C PRO A 46 26.08 -9.19 6.82
N TYR A 47 25.14 -9.81 6.12
CA TYR A 47 25.46 -10.83 5.14
C TYR A 47 25.24 -10.26 3.75
N PRO A 48 25.82 -10.95 2.74
CA PRO A 48 25.54 -10.66 1.34
C PRO A 48 24.07 -10.37 1.02
N ILE A 49 23.91 -9.35 0.20
CA ILE A 49 22.66 -8.78 -0.27
C ILE A 49 21.84 -9.77 -1.08
N LEU A 50 20.52 -9.62 -1.08
CA LEU A 50 19.62 -10.43 -1.88
C LEU A 50 18.84 -9.52 -2.82
N PRO A 51 19.10 -9.59 -4.15
CA PRO A 51 18.34 -8.82 -5.13
C PRO A 51 16.88 -9.25 -5.12
N PRO A 52 15.95 -8.34 -5.50
CA PRO A 52 14.53 -8.67 -5.50
C PRO A 52 14.26 -9.94 -6.29
N GLY A 53 13.34 -10.77 -5.78
CA GLY A 53 12.94 -12.01 -6.44
C GLY A 53 13.93 -13.18 -6.30
N THR A 54 15.05 -13.03 -5.59
CA THR A 54 16.03 -14.11 -5.58
C THR A 54 15.91 -14.93 -4.29
N GLY A 55 16.53 -16.12 -4.34
CA GLY A 55 16.64 -16.98 -3.17
C GLY A 55 18.06 -17.49 -3.03
N ARG A 56 18.48 -17.76 -1.79
CA ARG A 56 19.83 -18.23 -1.51
C ARG A 56 19.78 -19.22 -0.36
N ARG A 57 20.53 -20.32 -0.50
CA ARG A 57 20.61 -21.34 0.53
C ARG A 57 21.68 -20.93 1.51
N ILE A 58 21.42 -21.04 2.81
CA ILE A 58 22.39 -20.62 3.80
C ILE A 58 22.53 -21.75 4.82
N HIS A 59 23.77 -22.01 5.19
CA HIS A 59 24.09 -22.93 6.26
C HIS A 59 24.07 -22.17 7.58
N SER A 60 22.95 -22.25 8.31
CA SER A 60 22.84 -21.54 9.59
C SER A 60 22.75 -22.58 10.70
N TYR A 61 22.19 -22.22 11.87
CA TYR A 61 22.19 -23.09 13.03
C TYR A 61 20.88 -22.91 13.78
N ARG A 62 20.45 -23.97 14.48
CA ARG A 62 19.32 -23.87 15.38
C ARG A 62 19.55 -22.77 16.41
N GLY A 63 18.51 -21.94 16.65
CA GLY A 63 18.58 -20.91 17.67
C GLY A 63 19.37 -19.65 17.29
N HIS A 64 19.87 -19.55 16.04
CA HIS A 64 20.41 -18.30 15.52
C HIS A 64 19.27 -17.31 15.25
N LEU A 65 19.59 -16.00 15.28
CA LEU A 65 18.62 -14.93 15.17
C LEU A 65 18.93 -14.08 13.95
N TRP A 66 17.92 -13.92 13.07
CA TRP A 66 18.09 -13.11 11.87
C TRP A 66 17.01 -12.05 11.79
N LEU A 67 17.35 -10.89 11.19
CA LEU A 67 16.34 -9.92 10.75
C LEU A 67 16.79 -9.40 9.40
N PHE A 68 15.87 -8.70 8.71
CA PHE A 68 16.04 -8.38 7.30
C PHE A 68 15.58 -6.93 7.10
N ARG A 69 16.42 -6.15 6.41
CA ARG A 69 16.19 -4.73 6.16
CA ARG A 69 16.18 -4.73 6.15
C ARG A 69 16.45 -4.42 4.68
N ASP A 70 15.88 -3.30 4.21
CA ASP A 70 16.26 -2.72 2.94
C ASP A 70 17.75 -2.37 2.97
N ALA A 71 18.52 -2.86 2.00
CA ALA A 71 19.97 -2.65 2.01
C ALA A 71 20.35 -1.19 1.80
N GLY A 72 19.52 -0.46 1.04
CA GLY A 72 19.79 0.95 0.82
C GLY A 72 19.30 1.86 1.95
N THR A 73 18.15 1.54 2.59
CA THR A 73 17.48 2.53 3.42
C THR A 73 17.32 2.05 4.86
N HIS A 74 17.56 0.76 5.13
CA HIS A 74 17.32 0.19 6.45
C HIS A 74 15.85 0.20 6.83
N ASP A 75 14.92 0.42 5.89
CA ASP A 75 13.52 0.13 6.16
C ASP A 75 13.36 -1.33 6.59
N GLY A 76 12.44 -1.55 7.54
CA GLY A 76 12.17 -2.87 8.07
C GLY A 76 11.34 -3.72 7.10
N LEU A 77 11.68 -5.02 7.08
CA LEU A 77 10.96 -6.04 6.35
C LEU A 77 10.49 -7.17 7.28
N LEU A 78 9.46 -7.90 6.83
CA LEU A 78 8.99 -9.09 7.51
C LEU A 78 9.69 -10.34 7.00
N VAL A 79 9.72 -11.37 7.86
CA VAL A 79 10.21 -12.70 7.50
C VAL A 79 9.24 -13.71 8.09
N ASN A 80 8.62 -14.52 7.21
CA ASN A 80 7.49 -15.37 7.59
C ASN A 80 6.51 -14.55 8.41
N GLN A 81 6.22 -13.32 7.95
CA GLN A 81 5.18 -12.47 8.52
C GLN A 81 5.54 -11.93 9.91
N THR A 82 6.79 -12.07 10.35
CA THR A 82 7.13 -11.51 11.65
C THR A 82 8.46 -10.77 11.47
N GLU A 83 9.05 -10.36 12.60
CA GLU A 83 10.21 -9.49 12.54
C GLU A 83 11.50 -10.30 12.62
N LEU A 84 11.47 -11.42 13.38
CA LEU A 84 12.67 -12.21 13.62
C LEU A 84 12.55 -13.63 13.04
N PHE A 85 13.67 -14.17 12.60
CA PHE A 85 13.71 -15.52 12.10
C PHE A 85 14.74 -16.31 12.89
N VAL A 86 14.28 -17.47 13.37
CA VAL A 86 15.10 -18.42 14.10
C VAL A 86 15.07 -19.77 13.38
N PRO A 87 16.17 -20.29 12.78
CA PRO A 87 16.20 -21.66 12.28
C PRO A 87 15.87 -22.68 13.39
N SER A 88 15.09 -23.69 13.01
CA SER A 88 14.93 -24.92 13.77
C SER A 88 15.68 -26.03 13.03
N LEU A 89 15.65 -27.26 13.56
CA LEU A 89 16.34 -28.38 12.94
C LEU A 89 15.59 -28.78 11.68
N ASN A 90 16.29 -29.23 10.64
CA ASN A 90 15.67 -29.73 9.43
C ASN A 90 15.11 -31.13 9.66
N VAL A 91 13.90 -31.36 9.16
CA VAL A 91 13.33 -32.69 9.11
C VAL A 91 12.99 -33.06 7.66
N ASP A 92 13.24 -34.34 7.35
CA ASP A 92 12.83 -34.92 6.09
C ASP A 92 13.64 -34.29 4.97
N GLY A 93 14.87 -33.86 5.28
CA GLY A 93 15.73 -33.25 4.27
C GLY A 93 15.20 -31.93 3.70
N GLN A 94 14.37 -31.19 4.44
CA GLN A 94 13.81 -29.96 3.94
C GLN A 94 14.43 -28.73 4.59
N PRO A 95 14.84 -27.74 3.78
CA PRO A 95 15.31 -26.46 4.31
C PRO A 95 14.15 -25.73 4.97
N ILE A 96 14.48 -24.84 5.91
CA ILE A 96 13.53 -23.90 6.49
C ILE A 96 13.47 -22.69 5.56
N PHE A 97 12.26 -22.31 5.14
CA PHE A 97 12.07 -21.12 4.32
C PHE A 97 11.97 -19.88 5.21
N ALA A 98 12.80 -18.89 4.87
CA ALA A 98 12.71 -17.51 5.31
C ALA A 98 12.16 -16.62 4.19
N ASN A 99 10.82 -16.52 4.14
CA ASN A 99 10.10 -15.74 3.15
C ASN A 99 10.05 -14.28 3.59
N ILE A 100 10.86 -13.48 2.93
CA ILE A 100 11.00 -12.07 3.25
C ILE A 100 10.03 -11.29 2.39
N THR A 101 9.20 -10.47 3.05
CA THR A 101 8.17 -9.68 2.40
C THR A 101 8.17 -8.26 2.96
N LEU A 102 7.54 -7.37 2.19
CA LEU A 102 7.24 -6.02 2.62
C LEU A 102 6.22 -6.12 3.71
N PRO A 103 6.28 -5.26 4.73
CA PRO A 103 5.12 -5.04 5.58
C PRO A 103 4.18 -4.11 4.81
N VAL A 104 2.93 -4.02 5.24
CA VAL A 104 2.11 -2.89 4.83
C VAL A 104 2.48 -1.67 5.69
N TYR A 105 3.30 -0.80 5.13
CA TYR A 105 3.68 0.41 5.83
C TYR A 105 2.48 1.35 5.90
N THR A 106 2.52 2.28 6.86
CA THR A 106 1.57 3.37 6.83
C THR A 106 1.84 4.23 5.59
N LEU A 107 0.81 4.95 5.14
CA LEU A 107 0.99 5.79 3.99
C LEU A 107 2.00 6.87 4.32
N LYS A 108 1.97 7.33 5.58
CA LYS A 108 2.94 8.30 6.06
C LYS A 108 4.36 7.77 5.89
N GLU A 109 4.60 6.58 6.45
CA GLU A 109 5.95 6.04 6.43
C GLU A 109 6.37 5.82 4.99
N ARG A 110 5.43 5.39 4.14
CA ARG A 110 5.76 5.22 2.75
C ARG A 110 6.12 6.54 2.06
N CYS A 111 5.39 7.62 2.35
CA CYS A 111 5.74 8.92 1.81
C CYS A 111 7.13 9.36 2.29
N LEU A 112 7.39 9.16 3.59
CA LEU A 112 8.67 9.47 4.18
C LEU A 112 9.79 8.76 3.43
N GLN A 113 9.58 7.47 3.13
CA GLN A 113 10.59 6.70 2.42
C GLN A 113 10.88 7.34 1.07
N VAL A 114 9.83 7.68 0.31
CA VAL A 114 10.05 8.21 -1.03
C VAL A 114 10.80 9.54 -0.92
N VAL A 115 10.48 10.36 0.06
CA VAL A 115 11.11 11.67 0.13
C VAL A 115 12.58 11.53 0.54
N ARG A 116 12.85 10.66 1.50
CA ARG A 116 14.21 10.41 1.91
C ARG A 116 15.04 9.93 0.73
N SER A 117 14.45 9.17 -0.18
CA SER A 117 15.21 8.64 -1.29
C SER A 117 15.53 9.71 -2.34
N LEU A 118 14.79 10.83 -2.37
CA LEU A 118 14.99 11.86 -3.38
C LEU A 118 15.73 13.07 -2.87
N VAL A 119 15.77 13.29 -1.55
CA VAL A 119 16.26 14.56 -1.04
C VAL A 119 17.44 14.33 -0.11
N LYS A 120 18.57 15.00 -0.36
CA LYS A 120 19.73 14.99 0.52
C LYS A 120 19.29 15.53 1.89
N PRO A 121 19.64 14.86 3.01
CA PRO A 121 19.29 15.37 4.34
C PRO A 121 19.51 16.85 4.57
N GLU A 122 20.62 17.39 4.07
CA GLU A 122 20.94 18.80 4.23
C GLU A 122 19.81 19.66 3.64
N ASN A 123 19.01 19.09 2.71
CA ASN A 123 18.02 19.85 1.96
C ASN A 123 16.61 19.65 2.50
N TYR A 124 16.42 18.75 3.48
CA TYR A 124 15.10 18.51 4.06
C TYR A 124 14.37 19.79 4.43
N ARG A 125 15.09 20.78 4.98
CA ARG A 125 14.44 21.96 5.50
C ARG A 125 14.15 23.00 4.41
N ARG A 126 14.53 22.75 3.16
CA ARG A 126 14.04 23.58 2.06
C ARG A 126 12.67 23.11 1.57
N LEU A 127 12.13 22.02 2.11
CA LEU A 127 10.89 21.49 1.57
C LEU A 127 9.74 22.25 2.21
N ASP A 128 8.72 22.59 1.43
CA ASP A 128 7.59 23.34 1.94
C ASP A 128 6.60 22.42 2.65
N ILE A 129 6.96 21.94 3.84
CA ILE A 129 6.12 21.06 4.62
C ILE A 129 6.16 21.57 6.05
N VAL A 130 5.22 21.12 6.89
CA VAL A 130 5.16 21.54 8.29
C VAL A 130 6.40 21.00 9.00
N ARG A 131 6.76 21.63 10.10
CA ARG A 131 8.08 21.41 10.69
C ARG A 131 8.18 20.00 11.27
N SER A 132 7.07 19.54 11.90
CA SER A 132 7.03 18.20 12.45
C SER A 132 7.50 17.17 11.41
N LEU A 133 7.14 17.38 10.13
CA LEU A 133 7.48 16.45 9.08
C LEU A 133 8.97 16.47 8.77
N TYR A 134 9.62 17.64 8.87
CA TYR A 134 11.08 17.65 8.72
C TYR A 134 11.65 16.69 9.76
N GLU A 135 11.17 16.83 11.00
CA GLU A 135 11.63 16.01 12.10
C GLU A 135 11.45 14.54 11.76
N ASP A 136 10.24 14.19 11.29
CA ASP A 136 9.95 12.81 10.94
C ASP A 136 10.88 12.31 9.84
N LEU A 137 11.16 13.16 8.85
CA LEU A 137 12.10 12.82 7.79
C LEU A 137 13.41 12.40 8.42
N GLU A 138 13.83 13.15 9.44
CA GLU A 138 15.17 12.98 9.96
C GLU A 138 15.23 11.79 10.90
N ASP A 139 14.09 11.33 11.40
CA ASP A 139 14.11 10.17 12.29
C ASP A 139 14.22 8.90 11.45
N TYR A 140 15.42 8.63 10.94
CA TYR A 140 15.65 7.51 10.04
C TYR A 140 15.31 6.17 10.68
N PRO A 141 14.91 5.18 9.84
CA PRO A 141 14.83 3.77 10.27
C PRO A 141 16.16 3.32 10.83
N SER A 142 16.14 2.62 11.95
CA SER A 142 17.37 2.26 12.64
C SER A 142 17.26 0.83 13.17
N VAL A 143 18.18 -0.02 12.69
CA VAL A 143 18.33 -1.37 13.21
C VAL A 143 18.47 -1.33 14.74
N ARG A 144 19.37 -0.47 15.20
CA ARG A 144 19.59 -0.36 16.64
C ARG A 144 18.25 -0.13 17.33
N LYS A 145 17.44 0.78 16.76
CA LYS A 145 16.24 1.20 17.46
C LYS A 145 15.26 0.03 17.54
N ASP A 146 15.18 -0.69 16.43
CA ASP A 146 14.25 -1.80 16.32
C ASP A 146 14.67 -2.90 17.28
N ILE A 147 15.97 -3.10 17.46
CA ILE A 147 16.42 -4.14 18.38
C ILE A 147 16.01 -3.78 19.81
N GLN A 148 16.04 -2.48 20.16
CA GLN A 148 15.58 -2.04 21.47
C GLN A 148 14.13 -2.41 21.70
N ARG A 149 13.28 -2.05 20.74
CA ARG A 149 11.84 -2.28 20.82
C ARG A 149 11.58 -3.79 20.90
N LEU A 150 12.14 -4.55 19.96
CA LEU A 150 11.98 -5.99 19.90
C LEU A 150 12.47 -6.63 21.21
N SER A 151 13.57 -6.12 21.79
CA SER A 151 14.06 -6.63 23.07
C SER A 151 13.01 -6.50 24.19
N GLN A 152 12.33 -5.35 24.21
CA GLN A 152 11.36 -5.05 25.25
C GLN A 152 10.11 -5.91 25.01
N GLU A 153 9.63 -5.94 23.76
CA GLU A 153 8.53 -6.83 23.42
C GLU A 153 8.83 -8.26 23.85
N HIS A 154 10.05 -8.72 23.58
CA HIS A 154 10.41 -10.08 23.92
C HIS A 154 10.26 -10.25 25.43
N LEU A 155 10.83 -9.34 26.23
CA LEU A 155 10.74 -9.44 27.68
C LEU A 155 9.26 -9.45 28.11
N GLU A 156 8.42 -8.67 27.42
CA GLU A 156 7.02 -8.62 27.79
C GLU A 156 6.30 -9.95 27.55
N SER A 157 6.76 -10.76 26.59
CA SER A 157 6.12 -12.05 26.36
C SER A 157 7.03 -13.18 26.85
N MET B 1 -10.91 -14.41 -8.52
CA MET B 1 -9.80 -13.42 -8.63
C MET B 1 -10.41 -12.03 -8.52
N ASP B 2 -10.00 -11.27 -7.51
CA ASP B 2 -10.55 -9.95 -7.22
C ASP B 2 -10.01 -8.92 -8.20
N VAL B 3 -10.90 -8.01 -8.64
CA VAL B 3 -10.54 -6.89 -9.48
C VAL B 3 -10.97 -5.60 -8.76
N PHE B 4 -10.08 -4.59 -8.78
CA PHE B 4 -10.26 -3.35 -8.06
C PHE B 4 -10.43 -2.24 -9.09
N LEU B 5 -11.45 -1.42 -8.90
CA LEU B 5 -11.94 -0.56 -9.95
C LEU B 5 -12.18 0.84 -9.42
N MET B 6 -12.19 1.79 -10.36
CA MET B 6 -12.78 3.10 -10.27
C MET B 6 -13.87 3.18 -11.35
N ILE B 7 -15.13 3.33 -10.93
CA ILE B 7 -16.19 3.68 -11.84
C ILE B 7 -16.33 5.22 -11.82
N ARG B 8 -16.08 5.82 -13.00
CA ARG B 8 -15.90 7.25 -13.10
C ARG B 8 -16.91 7.83 -14.07
N ARG B 9 -17.47 8.97 -13.69
CA ARG B 9 -18.40 9.72 -14.49
C ARG B 9 -18.24 11.17 -14.04
N HIS B 10 -17.93 12.07 -14.98
CA HIS B 10 -17.82 13.50 -14.69
C HIS B 10 -16.71 13.70 -13.66
N LYS B 11 -17.06 14.28 -12.48
CA LYS B 11 -16.13 14.45 -11.36
C LYS B 11 -16.52 13.57 -10.18
N THR B 12 -17.11 12.40 -10.50
CA THR B 12 -17.42 11.34 -9.55
C THR B 12 -16.57 10.11 -9.88
N THR B 13 -15.99 9.53 -8.82
CA THR B 13 -15.24 8.30 -8.89
C THR B 13 -15.62 7.36 -7.72
N ILE B 14 -16.11 6.16 -8.07
CA ILE B 14 -16.43 5.11 -7.09
C ILE B 14 -15.31 4.08 -7.05
N PHE B 15 -14.68 3.93 -5.89
CA PHE B 15 -13.77 2.82 -5.63
C PHE B 15 -14.62 1.66 -5.19
N THR B 16 -14.54 0.55 -5.96
CA THR B 16 -15.20 -0.69 -5.56
C THR B 16 -14.42 -1.87 -6.13
N ASP B 17 -14.88 -3.06 -5.77
CA ASP B 17 -14.16 -4.27 -6.14
C ASP B 17 -15.14 -5.42 -6.41
N ALA B 18 -14.67 -6.38 -7.20
CA ALA B 18 -15.52 -7.47 -7.60
C ALA B 18 -14.65 -8.66 -8.00
N LYS B 19 -15.21 -9.66 -8.69
CA LYS B 19 -14.46 -10.83 -9.12
C LYS B 19 -14.34 -10.81 -10.64
N GLU B 20 -13.30 -11.48 -11.19
CA GLU B 20 -13.19 -11.67 -12.63
C GLU B 20 -14.46 -12.31 -13.19
N SER B 21 -15.19 -13.02 -12.32
CA SER B 21 -16.37 -13.77 -12.73
C SER B 21 -17.64 -12.95 -12.49
N SER B 22 -17.54 -11.81 -11.76
CA SER B 22 -18.68 -10.90 -11.64
C SER B 22 -19.10 -10.39 -13.01
N THR B 23 -20.36 -10.00 -13.14
CA THR B 23 -20.83 -9.47 -14.41
C THR B 23 -20.86 -7.95 -14.34
N VAL B 24 -20.90 -7.37 -15.55
CA VAL B 24 -21.09 -5.95 -15.76
C VAL B 24 -22.36 -5.48 -15.09
N PHE B 25 -23.38 -6.33 -15.14
CA PHE B 25 -24.66 -5.99 -14.58
C PHE B 25 -24.51 -5.77 -13.08
N GLU B 26 -23.69 -6.61 -12.45
CA GLU B 26 -23.50 -6.55 -11.00
C GLU B 26 -22.89 -5.22 -10.59
N LEU B 27 -22.03 -4.66 -11.47
CA LEU B 27 -21.42 -3.37 -11.22
C LEU B 27 -22.50 -2.29 -11.25
N LYS B 28 -23.43 -2.40 -12.20
CA LYS B 28 -24.51 -1.42 -12.26
C LYS B 28 -25.35 -1.46 -10.99
N ARG B 29 -25.48 -2.63 -10.38
CA ARG B 29 -26.23 -2.74 -9.14
C ARG B 29 -25.49 -1.99 -8.05
N ILE B 30 -24.15 -2.02 -8.08
CA ILE B 30 -23.40 -1.25 -7.09
C ILE B 30 -23.66 0.23 -7.32
N VAL B 31 -23.55 0.66 -8.58
CA VAL B 31 -23.74 2.05 -8.95
C VAL B 31 -25.12 2.51 -8.48
N GLU B 32 -26.12 1.61 -8.62
CA GLU B 32 -27.50 1.93 -8.34
C GLU B 32 -27.65 2.11 -6.83
N GLY B 33 -27.00 1.25 -6.07
CA GLY B 33 -27.04 1.39 -4.62
C GLY B 33 -26.48 2.72 -4.13
N ILE B 34 -25.47 3.23 -4.81
CA ILE B 34 -24.76 4.43 -4.39
C ILE B 34 -25.37 5.67 -5.05
N LEU B 35 -25.62 5.63 -6.36
CA LEU B 35 -26.02 6.83 -7.07
C LEU B 35 -27.52 6.85 -7.41
N LYS B 36 -28.24 5.78 -7.08
CA LYS B 36 -29.70 5.80 -7.14
C LYS B 36 -30.15 5.99 -8.57
N ARG B 37 -29.54 5.25 -9.51
CA ARG B 37 -30.03 5.20 -10.87
C ARG B 37 -30.03 3.73 -11.25
N PRO B 38 -31.17 3.21 -11.74
CA PRO B 38 -31.29 1.79 -12.07
C PRO B 38 -30.41 1.38 -13.26
N PRO B 39 -30.10 0.08 -13.36
CA PRO B 39 -29.27 -0.43 -14.45
C PRO B 39 -29.64 -0.01 -15.85
N GLU B 40 -30.94 0.04 -16.13
CA GLU B 40 -31.41 0.38 -17.44
C GLU B 40 -31.12 1.85 -17.75
N GLU B 41 -30.79 2.67 -16.75
CA GLU B 41 -30.42 4.06 -17.00
C GLU B 41 -28.90 4.29 -17.03
N GLN B 42 -28.10 3.22 -17.04
CA GLN B 42 -26.67 3.34 -16.96
C GLN B 42 -26.04 2.66 -18.14
N ARG B 43 -24.96 3.20 -18.69
CA ARG B 43 -24.05 2.49 -19.58
C ARG B 43 -22.66 2.42 -18.94
N LEU B 44 -22.03 1.24 -18.98
CA LEU B 44 -20.66 1.09 -18.53
C LEU B 44 -19.75 0.79 -19.73
N TYR B 45 -18.52 1.31 -19.63
CA TYR B 45 -17.55 1.32 -20.72
C TYR B 45 -16.18 0.90 -20.24
N LYS B 46 -15.48 0.19 -21.12
CA LYS B 46 -14.05 -0.02 -21.00
C LYS B 46 -13.44 0.72 -22.18
N ASP B 47 -12.53 1.63 -21.86
CA ASP B 47 -12.12 2.65 -22.82
CA ASP B 47 -12.12 2.68 -22.78
C ASP B 47 -13.40 3.37 -23.28
N ASP B 48 -13.65 3.34 -24.59
CA ASP B 48 -14.88 3.92 -25.11
C ASP B 48 -15.81 2.81 -25.59
N GLN B 49 -15.59 1.56 -25.14
CA GLN B 49 -16.37 0.43 -25.62
C GLN B 49 -17.47 0.08 -24.62
N LEU B 50 -18.73 -0.01 -25.11
CA LEU B 50 -19.89 -0.31 -24.30
C LEU B 50 -19.77 -1.76 -23.87
N LEU B 51 -20.01 -2.02 -22.57
CA LEU B 51 -19.97 -3.37 -22.06
C LEU B 51 -21.39 -3.97 -21.94
N ASP B 52 -21.52 -5.22 -22.35
CA ASP B 52 -22.77 -5.94 -22.20
C ASP B 52 -22.95 -6.42 -20.76
N ASP B 53 -24.20 -6.36 -20.31
CA ASP B 53 -24.53 -6.70 -18.93
C ASP B 53 -24.07 -8.10 -18.56
N GLY B 54 -24.12 -9.01 -19.54
CA GLY B 54 -24.06 -10.45 -19.30
C GLY B 54 -22.64 -11.00 -19.27
N LYS B 55 -21.67 -10.23 -19.81
CA LYS B 55 -20.27 -10.61 -19.82
C LYS B 55 -19.69 -10.49 -18.40
N THR B 56 -18.68 -11.32 -18.12
CA THR B 56 -17.93 -11.24 -16.87
C THR B 56 -16.87 -10.16 -17.02
N LEU B 57 -16.41 -9.64 -15.88
CA LEU B 57 -15.40 -8.60 -15.92
C LEU B 57 -14.16 -9.18 -16.60
N GLY B 58 -13.82 -10.43 -16.30
CA GLY B 58 -12.77 -11.15 -16.99
C GLY B 58 -12.93 -11.08 -18.51
N GLU B 59 -14.11 -11.47 -19.02
CA GLU B 59 -14.36 -11.47 -20.44
C GLU B 59 -14.14 -10.09 -21.04
N CYS B 60 -14.40 -9.03 -20.24
CA CYS B 60 -14.24 -7.67 -20.74
C CYS B 60 -12.76 -7.23 -20.76
N GLY B 61 -11.87 -7.99 -20.13
CA GLY B 61 -10.45 -7.68 -20.14
C GLY B 61 -9.91 -7.25 -18.78
N PHE B 62 -10.76 -7.23 -17.74
CA PHE B 62 -10.28 -6.86 -16.42
C PHE B 62 -9.76 -8.11 -15.74
N THR B 63 -8.43 -8.21 -15.58
CA THR B 63 -7.81 -9.30 -14.82
C THR B 63 -7.34 -8.76 -13.46
N SER B 64 -7.19 -9.65 -12.49
CA SER B 64 -6.80 -9.20 -11.18
C SER B 64 -5.34 -8.72 -11.22
N GLN B 65 -4.57 -9.20 -12.19
CA GLN B 65 -3.20 -8.74 -12.35
C GLN B 65 -3.19 -7.26 -12.69
N THR B 66 -4.22 -6.76 -13.39
CA THR B 66 -4.19 -5.40 -13.91
C THR B 66 -5.03 -4.44 -13.05
N ALA B 67 -6.16 -4.91 -12.54
CA ALA B 67 -7.04 -4.11 -11.70
C ALA B 67 -6.68 -4.34 -10.24
N ARG B 68 -5.65 -3.65 -9.80
CA ARG B 68 -5.00 -3.92 -8.52
C ARG B 68 -5.48 -2.90 -7.48
N PRO B 69 -5.41 -3.27 -6.18
CA PRO B 69 -5.85 -2.34 -5.14
C PRO B 69 -5.16 -0.98 -5.26
N GLN B 70 -3.85 -1.00 -5.55
CA GLN B 70 -3.05 0.20 -5.50
C GLN B 70 -3.00 0.86 -6.87
N ALA B 71 -3.63 0.23 -7.87
CA ALA B 71 -3.72 0.81 -9.21
C ALA B 71 -4.99 0.26 -9.88
N PRO B 72 -6.17 0.71 -9.43
CA PRO B 72 -7.40 0.11 -9.94
C PRO B 72 -7.58 0.49 -11.40
N ALA B 73 -8.33 -0.36 -12.13
CA ALA B 73 -8.72 -0.03 -13.50
C ALA B 73 -9.98 0.83 -13.46
N THR B 74 -10.26 1.49 -14.58
CA THR B 74 -11.34 2.46 -14.70
C THR B 74 -12.47 1.84 -15.52
N VAL B 75 -13.69 1.94 -15.01
CA VAL B 75 -14.87 1.69 -15.80
C VAL B 75 -15.53 3.04 -16.02
N GLY B 76 -15.86 3.35 -17.29
CA GLY B 76 -16.62 4.56 -17.61
C GLY B 76 -18.11 4.38 -17.29
N LEU B 77 -18.75 5.46 -16.80
CA LEU B 77 -20.18 5.46 -16.57
C LEU B 77 -20.86 6.67 -17.23
N ALA B 78 -21.98 6.40 -17.91
CA ALA B 78 -22.86 7.43 -18.46
C ALA B 78 -24.31 7.08 -18.11
N PHE B 79 -25.08 8.14 -17.82
CA PHE B 79 -26.45 8.05 -17.40
C PHE B 79 -27.36 8.49 -18.54
N ARG B 80 -28.59 7.98 -18.48
CA ARG B 80 -29.62 8.38 -19.40
C ARG B 80 -30.07 9.79 -19.04
N ALA B 81 -30.18 10.64 -20.06
CA ALA B 81 -30.75 11.99 -19.97
C ALA B 81 -32.00 12.09 -20.85
N ASP B 82 -33.17 12.27 -20.23
CA ASP B 82 -34.46 12.24 -20.94
C ASP B 82 -34.61 10.89 -21.64
N ASP B 83 -34.57 10.92 -22.98
CA ASP B 83 -34.72 9.69 -23.75
C ASP B 83 -33.38 9.25 -24.31
N THR B 84 -32.43 10.19 -24.46
CA THR B 84 -31.10 9.85 -24.93
C THR B 84 -30.14 9.60 -23.76
N PHE B 85 -28.92 9.16 -24.10
CA PHE B 85 -27.86 8.94 -23.13
C PHE B 85 -26.85 10.08 -23.26
N GLU B 86 -26.40 10.60 -22.11
CA GLU B 86 -25.30 11.54 -22.10
C GLU B 86 -24.11 10.85 -22.73
N ALA B 87 -23.19 11.62 -23.31
CA ALA B 87 -21.93 11.04 -23.76
C ALA B 87 -21.08 10.74 -22.51
N LEU B 88 -20.28 9.70 -22.60
CA LEU B 88 -19.26 9.42 -21.63
C LEU B 88 -18.33 10.62 -21.53
N ARG B 89 -18.26 11.21 -20.34
CA ARG B 89 -17.29 12.24 -20.04
C ARG B 89 -16.72 11.94 -18.66
N ILE B 90 -15.40 11.74 -18.59
CA ILE B 90 -14.67 11.61 -17.34
C ILE B 90 -13.66 12.76 -17.26
N GLU B 91 -13.78 13.58 -16.22
CA GLU B 91 -12.87 14.70 -16.04
C GLU B 91 -11.60 14.22 -15.34
N PRO B 92 -10.42 14.70 -15.78
CA PRO B 92 -9.19 14.33 -15.09
C PRO B 92 -9.06 14.98 -13.72
N PHE B 93 -8.20 14.38 -12.90
CA PHE B 93 -7.76 14.99 -11.65
C PHE B 93 -6.83 16.14 -11.98
N SER B 94 -6.59 16.96 -10.94
CA SER B 94 -5.67 18.08 -10.93
C SER B 94 -4.25 17.61 -11.24
N SER B 95 -3.38 18.60 -11.53
CA SER B 95 -1.96 18.36 -11.84
C SER B 95 -1.15 18.67 -10.59
N PRO B 96 -0.16 17.84 -10.24
CA PRO B 96 0.76 18.23 -9.17
C PRO B 96 1.54 19.46 -9.58
N PRO B 97 2.07 20.23 -8.60
CA PRO B 97 3.01 21.30 -8.91
C PRO B 97 4.24 20.69 -9.57
N GLU B 98 5.09 21.55 -10.10
CA GLU B 98 6.40 21.18 -10.60
C GLU B 98 7.23 20.61 -9.45
N LEU B 99 8.09 19.63 -9.76
CA LEU B 99 8.88 18.97 -8.76
C LEU B 99 9.79 19.98 -8.06
N PRO B 100 9.86 20.01 -6.71
CA PRO B 100 10.89 20.80 -6.03
C PRO B 100 12.32 20.57 -6.53
N ASP B 101 13.12 21.63 -6.53
CA ASP B 101 14.51 21.54 -6.98
C ASP B 101 15.30 20.47 -6.22
N VAL B 102 15.13 20.40 -4.90
CA VAL B 102 15.89 19.47 -4.06
C VAL B 102 15.49 18.01 -4.26
N MET B 103 14.46 17.77 -5.09
CA MET B 103 14.03 16.42 -5.38
C MET B 103 14.54 15.96 -6.75
N LYS B 104 15.08 16.87 -7.55
CA LYS B 104 15.60 16.52 -8.87
C LYS B 104 16.96 15.79 -8.73
N MET C 1 -22.20 -2.61 3.52
CA MET C 1 -21.53 -2.04 2.32
C MET C 1 -22.02 -0.60 2.14
N MET C 2 -22.03 0.18 3.22
CA MET C 2 -22.10 1.63 3.14
C MET C 2 -20.86 2.16 2.43
N TYR C 3 -21.06 3.17 1.56
CA TYR C 3 -19.98 3.97 0.97
C TYR C 3 -20.04 5.36 1.58
N VAL C 4 -18.91 6.07 1.64
CA VAL C 4 -18.93 7.49 2.00
C VAL C 4 -18.32 8.30 0.85
N LYS C 5 -18.58 9.60 0.90
CA LYS C 5 -18.13 10.53 -0.11
C LYS C 5 -17.06 11.44 0.48
N LEU C 6 -15.91 11.48 -0.19
CA LEU C 6 -14.78 12.33 0.13
C LEU C 6 -14.55 13.29 -1.03
N ILE C 7 -14.63 14.60 -0.74
CA ILE C 7 -14.57 15.62 -1.78
C ILE C 7 -13.22 16.33 -1.71
N SER C 8 -12.58 16.49 -2.88
CA SER C 8 -11.28 17.14 -2.97
C SER C 8 -11.49 18.63 -3.04
N SER C 9 -10.41 19.38 -2.83
CA SER C 9 -10.41 20.83 -2.85
C SER C 9 -10.87 21.37 -4.22
N ASP C 10 -10.59 20.59 -5.28
CA ASP C 10 -10.95 20.95 -6.65
C ASP C 10 -12.28 20.32 -7.04
N GLY C 11 -13.00 19.74 -6.08
CA GLY C 11 -14.39 19.37 -6.33
C GLY C 11 -14.56 18.02 -7.02
N HIS C 12 -13.58 17.10 -6.95
CA HIS C 12 -13.82 15.72 -7.28
C HIS C 12 -14.48 15.01 -6.12
N GLU C 13 -15.46 14.16 -6.44
CA GLU C 13 -16.10 13.30 -5.46
C GLU C 13 -15.48 11.90 -5.61
N PHE C 14 -15.00 11.38 -4.49
CA PHE C 14 -14.49 10.02 -4.37
C PHE C 14 -15.38 9.25 -3.41
N ILE C 15 -15.96 8.16 -3.90
CA ILE C 15 -16.91 7.44 -3.10
C ILE C 15 -16.29 6.10 -2.80
N VAL C 16 -16.16 5.78 -1.51
CA VAL C 16 -15.37 4.67 -1.04
C VAL C 16 -16.17 3.92 0.02
N LYS C 17 -15.84 2.66 0.20
CA LYS C 17 -16.43 1.88 1.27
C LYS C 17 -16.06 2.51 2.60
N ARG C 18 -17.09 2.74 3.43
CA ARG C 18 -16.91 3.31 4.75
C ARG C 18 -15.81 2.56 5.50
N GLU C 19 -15.94 1.24 5.60
CA GLU C 19 -14.95 0.45 6.30
C GLU C 19 -13.54 0.74 5.75
N HIS C 20 -13.38 1.01 4.45
CA HIS C 20 -12.06 1.33 3.90
C HIS C 20 -11.59 2.71 4.35
N ALA C 21 -12.51 3.67 4.41
CA ALA C 21 -12.15 5.04 4.76
C ALA C 21 -11.80 5.12 6.25
N LEU C 22 -12.36 4.21 7.06
CA LEU C 22 -12.13 4.26 8.50
C LEU C 22 -10.71 3.80 8.83
N THR C 23 -9.92 3.40 7.81
CA THR C 23 -8.47 3.27 7.96
C THR C 23 -7.87 4.59 8.51
N SER C 24 -8.46 5.72 8.16
CA SER C 24 -8.05 6.98 8.74
C SER C 24 -8.90 7.30 9.96
N GLY C 25 -8.24 7.52 11.10
CA GLY C 25 -8.93 7.87 12.34
C GLY C 25 -9.45 9.30 12.29
N THR C 26 -8.74 10.15 11.55
CA THR C 26 -9.23 11.48 11.24
C THR C 26 -10.59 11.44 10.55
N ILE C 27 -10.69 10.66 9.46
CA ILE C 27 -11.92 10.54 8.70
C ILE C 27 -12.98 9.97 9.63
N LYS C 28 -12.63 8.97 10.42
CA LYS C 28 -13.59 8.41 11.35
C LYS C 28 -14.19 9.51 12.22
N ALA C 29 -13.32 10.27 12.91
CA ALA C 29 -13.74 11.40 13.71
C ALA C 29 -14.64 12.34 12.90
N MET C 30 -14.22 12.66 11.68
CA MET C 30 -14.97 13.63 10.90
C MET C 30 -16.38 13.09 10.59
N LEU C 31 -16.51 11.76 10.41
CA LEU C 31 -17.77 11.17 9.98
C LEU C 31 -18.78 11.13 11.12
N SER C 32 -18.31 11.04 12.37
CA SER C 32 -19.20 11.12 13.51
C SER C 32 -19.09 12.50 14.15
N GLY C 33 -19.29 13.53 13.31
CA GLY C 33 -18.99 14.90 13.67
C GLY C 33 -19.85 15.36 14.82
N THR C 42 -21.90 14.14 6.99
CA THR C 42 -22.95 13.10 7.10
C THR C 42 -22.28 11.76 6.81
N ASN C 43 -22.38 11.36 5.53
CA ASN C 43 -21.59 10.30 4.96
C ASN C 43 -20.65 10.99 3.99
N GLU C 44 -20.42 12.28 4.23
CA GLU C 44 -19.76 13.15 3.27
C GLU C 44 -18.67 13.95 3.99
N VAL C 45 -17.47 14.02 3.43
CA VAL C 45 -16.41 14.82 4.01
C VAL C 45 -15.79 15.68 2.93
N ASN C 46 -15.57 16.96 3.26
CA ASN C 46 -15.04 17.94 2.34
C ASN C 46 -13.61 18.27 2.71
N PHE C 47 -12.65 17.96 1.83
CA PHE C 47 -11.25 18.28 2.12
C PHE C 47 -10.80 19.50 1.30
N ARG C 48 -10.89 20.68 1.93
CA ARG C 48 -10.64 21.97 1.29
C ARG C 48 -9.16 22.16 0.92
N GLU C 49 -8.23 21.41 1.50
CA GLU C 49 -6.82 21.58 1.17
C GLU C 49 -6.21 20.34 0.51
N ILE C 50 -7.01 19.30 0.20
CA ILE C 50 -6.44 18.10 -0.41
C ILE C 50 -6.98 17.95 -1.82
N PRO C 51 -6.11 18.10 -2.83
CA PRO C 51 -6.58 18.02 -4.20
C PRO C 51 -6.72 16.60 -4.74
N SER C 52 -7.39 16.50 -5.89
CA SER C 52 -7.82 15.22 -6.43
C SER C 52 -6.64 14.30 -6.77
N HIS C 53 -5.50 14.82 -7.19
CA HIS C 53 -4.40 13.92 -7.55
C HIS C 53 -3.84 13.28 -6.28
N VAL C 54 -4.07 13.91 -5.14
CA VAL C 54 -3.59 13.39 -3.89
C VAL C 54 -4.64 12.45 -3.31
N LEU C 55 -5.91 12.91 -3.23
CA LEU C 55 -6.96 12.17 -2.53
C LEU C 55 -7.35 10.88 -3.25
N SER C 56 -7.31 10.89 -4.58
CA SER C 56 -7.44 9.67 -5.36
C SER C 56 -6.46 8.61 -4.85
N LYS C 57 -5.21 9.03 -4.63
CA LYS C 57 -4.14 8.18 -4.18
C LYS C 57 -4.37 7.67 -2.76
N VAL C 58 -4.89 8.53 -1.89
CA VAL C 58 -5.18 8.14 -0.54
C VAL C 58 -6.24 7.03 -0.58
N CYS C 59 -7.21 7.17 -1.49
CA CYS C 59 -8.23 6.14 -1.62
C CYS C 59 -7.63 4.79 -2.03
N MET C 60 -6.67 4.81 -2.95
CA MET C 60 -6.04 3.58 -3.38
C MET C 60 -5.24 2.97 -2.24
N TYR C 61 -4.59 3.80 -1.40
CA TYR C 61 -3.92 3.31 -0.21
C TYR C 61 -4.91 2.57 0.71
N PHE C 62 -6.09 3.12 0.99
CA PHE C 62 -7.08 2.42 1.81
C PHE C 62 -7.38 1.02 1.26
N THR C 63 -7.60 0.94 -0.05
CA THR C 63 -7.91 -0.34 -0.67
C THR C 63 -6.73 -1.27 -0.43
N TYR C 64 -5.53 -0.79 -0.70
CA TYR C 64 -4.31 -1.56 -0.59
C TYR C 64 -4.11 -2.06 0.84
N LYS C 65 -4.34 -1.17 1.81
CA LYS C 65 -4.13 -1.48 3.21
C LYS C 65 -5.08 -2.59 3.63
N VAL C 66 -6.35 -2.41 3.29
CA VAL C 66 -7.34 -3.41 3.70
C VAL C 66 -7.04 -4.72 2.96
N ARG C 67 -6.60 -4.67 1.71
CA ARG C 67 -6.41 -5.89 0.95
C ARG C 67 -5.23 -6.67 1.51
N TYR C 68 -4.13 -6.02 1.86
CA TYR C 68 -2.89 -6.73 2.18
C TYR C 68 -2.65 -6.87 3.70
N THR C 69 -3.29 -6.07 4.54
CA THR C 69 -3.01 -6.21 5.97
C THR C 69 -3.44 -7.62 6.38
N ASN C 70 -2.55 -8.33 7.07
CA ASN C 70 -2.78 -9.72 7.50
C ASN C 70 -2.99 -10.66 6.31
N SER C 71 -2.76 -10.22 5.09
CA SER C 71 -2.48 -11.17 4.03
C SER C 71 -1.33 -12.02 4.53
N SER C 72 -1.07 -13.13 3.88
CA SER C 72 0.21 -13.74 4.19
C SER C 72 0.88 -14.11 2.88
N THR C 73 0.46 -13.44 1.79
CA THR C 73 1.09 -13.62 0.50
C THR C 73 2.08 -12.49 0.31
N GLU C 74 2.65 -12.41 -0.89
CA GLU C 74 3.62 -11.39 -1.20
C GLU C 74 2.87 -10.08 -1.40
N ILE C 75 3.44 -9.01 -0.86
CA ILE C 75 2.82 -7.71 -0.88
C ILE C 75 3.54 -6.87 -1.93
N PRO C 76 2.82 -6.21 -2.86
CA PRO C 76 3.48 -5.30 -3.79
C PRO C 76 3.80 -4.01 -3.04
N GLU C 77 4.70 -3.21 -3.65
CA GLU C 77 5.01 -1.87 -3.20
C GLU C 77 3.81 -0.96 -3.50
N PHE C 78 3.50 -0.07 -2.55
CA PHE C 78 2.61 1.04 -2.81
C PHE C 78 3.37 2.10 -3.63
N PRO C 79 3.02 2.33 -4.92
CA PRO C 79 3.76 3.29 -5.76
C PRO C 79 3.40 4.74 -5.45
N ILE C 80 4.42 5.57 -5.41
CA ILE C 80 4.23 7.00 -5.23
C ILE C 80 5.15 7.73 -6.19
N ALA C 81 4.57 8.49 -7.13
CA ALA C 81 5.34 9.31 -8.04
C ALA C 81 6.06 10.39 -7.24
N PRO C 82 7.32 10.76 -7.58
CA PRO C 82 8.02 11.83 -6.88
C PRO C 82 7.26 13.15 -6.88
N GLU C 83 6.49 13.42 -7.95
CA GLU C 83 5.84 14.71 -8.07
C GLU C 83 4.64 14.80 -7.11
N ILE C 84 4.18 13.69 -6.50
CA ILE C 84 3.06 13.82 -5.59
C ILE C 84 3.47 13.56 -4.14
N ALA C 85 4.70 13.13 -3.95
CA ALA C 85 5.15 12.63 -2.65
C ALA C 85 4.88 13.64 -1.53
N LEU C 86 5.21 14.93 -1.74
CA LEU C 86 5.13 15.92 -0.67
C LEU C 86 3.70 16.16 -0.22
N GLU C 87 2.80 16.39 -1.18
CA GLU C 87 1.42 16.67 -0.88
C GLU C 87 0.80 15.44 -0.21
N LEU C 88 1.20 14.27 -0.73
CA LEU C 88 0.72 13.01 -0.21
C LEU C 88 1.24 12.80 1.21
N LEU C 89 2.51 13.17 1.50
CA LEU C 89 3.03 13.11 2.85
C LEU C 89 2.20 13.97 3.80
N MET C 90 1.88 15.20 3.36
CA MET C 90 1.08 16.13 4.13
C MET C 90 -0.31 15.56 4.44
N ALA C 91 -0.94 15.00 3.40
CA ALA C 91 -2.24 14.38 3.58
C ALA C 91 -2.16 13.19 4.52
N ALA C 92 -1.13 12.36 4.37
CA ALA C 92 -0.99 11.18 5.19
C ALA C 92 -0.81 11.57 6.65
N ASN C 93 0.00 12.59 6.88
CA ASN C 93 0.22 13.14 8.21
C ASN C 93 -1.10 13.63 8.81
N PHE C 94 -1.89 14.44 8.07
CA PHE C 94 -3.17 14.94 8.58
C PHE C 94 -4.19 13.84 8.86
N LEU C 95 -4.30 12.87 7.95
CA LEU C 95 -5.27 11.79 8.04
C LEU C 95 -4.86 10.67 8.97
N ASP C 96 -3.59 10.70 9.41
CA ASP C 96 -2.97 9.67 10.22
C ASP C 96 -3.26 8.28 9.62
N CYS C 97 -2.75 8.06 8.41
CA CYS C 97 -2.82 6.74 7.81
C CYS C 97 -1.45 6.35 7.20
C1 PGE D . 2.89 20.77 14.32
O1 PGE D . 3.74 20.75 13.17
C2 PGE D . 2.84 19.44 15.05
O2 PGE D . 3.21 19.59 16.42
C3 PGE D . 3.64 18.40 17.03
C4 PGE D . 5.03 17.99 16.56
O4 PGE D . 8.71 20.55 15.42
C6 PGE D . 7.80 19.49 15.53
C5 PGE D . 6.52 19.86 16.19
O3 PGE D . 6.07 18.83 17.07
I IOD E . 14.25 -26.84 16.94
C1 EDO F . 13.33 3.08 -0.45
O1 EDO F . 12.61 3.27 0.82
C2 EDO F . 12.61 3.16 -1.77
O2 EDO F . 11.51 4.10 -1.85
I IOD G . -26.57 -10.82 -14.66
C1 EDO H . -26.70 -2.35 -22.05
O1 EDO H . -25.82 -1.21 -21.92
C2 EDO H . -26.09 -3.46 -22.82
O2 EDO H . -26.43 -4.73 -22.26
I IOD I . -1.01 18.53 9.02
C1 PEG J . 1.24 8.43 -9.22
O1 PEG J . 1.80 8.02 -7.99
C2 PEG J . 0.34 9.64 -9.13
O2 PEG J . 0.98 10.76 -9.73
C3 PEG J . 0.09 11.72 -10.32
C4 PEG J . 0.90 12.67 -11.13
O4 PEG J . 1.97 12.02 -11.78
C1 EDO K . -9.27 19.64 5.31
O1 EDO K . -9.33 20.96 5.78
C2 EDO K . -8.45 19.55 4.11
O2 EDO K . -7.30 18.81 4.34
C1 EDO L . -3.78 9.33 -9.80
O1 EDO L . -4.18 9.00 -8.49
C2 EDO L . -3.03 10.61 -9.82
O2 EDO L . -2.36 10.84 -8.58
#